data_4Z37
#
_entry.id   4Z37
#
_cell.length_a   113.292
_cell.length_b   85.800
_cell.length_c   89.254
_cell.angle_alpha   90.00
_cell.angle_beta   121.51
_cell.angle_gamma   90.00
#
_symmetry.space_group_name_H-M   'C 1 2 1'
#
loop_
_entity.id
_entity.type
_entity.pdbx_description
1 polymer 'Putative mixed polyketide synthase/non-ribosomal peptide synthetase'
2 water water
#
_entity_poly.entity_id   1
_entity_poly.type   'polypeptide(L)'
_entity_poly.pdbx_seq_one_letter_code
;SMIASHEPTRSVAVQSEKQIAREPIAIIGMSGRYPKARSLNEYWENLKSGKDCITEIPEERWSLDGFFEPDPDKAVAEGK
SYGKWGGFVDGFADFDPLFFNMSPWEAMHFDPQERLFMESCWEVLEDAGYTRQQLAEKYNRRVGVFGGITKTGFSLYGPD
LWKQGELIYPHTSFSSLTNRVSYFLNLQGPSMPIDTM(CSD)SASLTAIHEACEHLYNGDCELAIAGGVNLYLHPSSYVF
LSALHMLSVDGQCKSFGQGGNGFVPGEGVGTVLLKPLSKAIADGDHIYGLIRGTSVNHGGKTNGYTVPNPTAQGELIRQA
LDKAGVHAKTVSYIEAHGTGTELGDPIEISGLIQAFRKDTQDTGYCAIGSVKSNIGHLEAAAGIAGVAKILLQMKHQQLV
PSLHAKELNPNIPFSKTPFVVQQDLVEWKRPLMEVNGVLREFPRIAGISSFGAGGSNAHVVIEEYIPAVKERPSITVSPQ
NPAIIVLSAKNKERLIEQVQRLLASIEKQSFTDVDLVDIAYTLQVGREAMEERLALMVSSLSELVEKLQSFLAGDDSIAD
LYRGQAKRSRETADIFAGDEELQEAIEKWMQRKKFAKLLDFWVKGLNMDWNKLYDDKKPRRISLPAYPFAREHYWLPKPK
TQTSIHTKSTPGLTAS
;
_entity_poly.pdbx_strand_id   A
#
# COMPACT_ATOMS: atom_id res chain seq x y z
N ILE A 20 -1.81 5.98 30.32
CA ILE A 20 -3.09 6.42 29.76
C ILE A 20 -3.14 6.10 28.28
N ALA A 21 -4.32 5.67 27.81
CA ALA A 21 -4.51 5.29 26.42
C ALA A 21 -4.50 6.51 25.51
N ARG A 22 -4.07 6.29 24.26
CA ARG A 22 -4.05 7.35 23.25
C ARG A 22 -5.08 7.03 22.17
N GLU A 23 -5.59 8.06 21.50
CA GLU A 23 -6.60 7.83 20.46
C GLU A 23 -5.98 7.06 19.30
N PRO A 24 -6.79 6.25 18.60
CA PRO A 24 -6.23 5.46 17.50
C PRO A 24 -5.77 6.28 16.30
N ILE A 25 -4.92 5.69 15.47
CA ILE A 25 -4.51 6.30 14.22
C ILE A 25 -5.33 5.67 13.09
N ALA A 26 -6.05 6.51 12.35
CA ALA A 26 -6.86 6.04 11.23
C ALA A 26 -6.02 5.78 9.98
N ILE A 27 -6.35 4.71 9.26
CA ILE A 27 -5.76 4.44 7.96
C ILE A 27 -6.75 4.96 6.91
N ILE A 28 -6.37 6.04 6.23
CA ILE A 28 -7.29 6.75 5.35
C ILE A 28 -6.92 6.59 3.87
N GLY A 29 -5.86 5.84 3.61
CA GLY A 29 -5.42 5.59 2.25
C GLY A 29 -4.48 4.40 2.19
N MET A 30 -4.56 3.65 1.09
CA MET A 30 -3.67 2.52 0.89
C MET A 30 -3.38 2.30 -0.60
N SER A 31 -2.14 1.92 -0.88
CA SER A 31 -1.75 1.49 -2.22
CA SER A 31 -1.76 1.48 -2.22
C SER A 31 -0.86 0.25 -2.12
N GLY A 32 -0.80 -0.53 -3.19
CA GLY A 32 0.05 -1.70 -3.17
C GLY A 32 0.15 -2.45 -4.49
N ARG A 33 1.34 -2.97 -4.77
CA ARG A 33 1.56 -3.94 -5.84
C ARG A 33 2.27 -5.14 -5.24
N TYR A 34 1.74 -6.32 -5.52
CA TYR A 34 2.30 -7.54 -4.95
C TYR A 34 2.34 -8.61 -6.05
N PRO A 35 3.00 -9.75 -5.79
CA PRO A 35 3.15 -10.75 -6.85
C PRO A 35 1.82 -11.19 -7.45
N LYS A 36 1.71 -11.12 -8.77
CA LYS A 36 0.50 -11.45 -9.51
C LYS A 36 -0.68 -10.56 -9.14
N ALA A 37 -0.38 -9.41 -8.54
CA ALA A 37 -1.40 -8.48 -8.10
C ALA A 37 -0.97 -7.05 -8.38
N ARG A 38 -1.29 -6.56 -9.58
CA ARG A 38 -0.96 -5.19 -9.92
C ARG A 38 -1.80 -4.20 -9.12
N SER A 39 -2.96 -4.66 -8.64
CA SER A 39 -3.85 -3.83 -7.84
C SER A 39 -4.26 -4.55 -6.56
N LEU A 40 -4.77 -3.78 -5.60
CA LEU A 40 -5.27 -4.33 -4.35
C LEU A 40 -6.49 -5.24 -4.58
N ASN A 41 -7.27 -4.95 -5.60
CA ASN A 41 -8.42 -5.80 -5.94
C ASN A 41 -7.95 -7.19 -6.38
N GLU A 42 -6.89 -7.23 -7.18
CA GLU A 42 -6.32 -8.50 -7.63
C GLU A 42 -5.67 -9.22 -6.44
N TYR A 43 -5.05 -8.44 -5.57
CA TYR A 43 -4.44 -8.98 -4.36
C TYR A 43 -5.50 -9.73 -3.55
N TRP A 44 -6.64 -9.10 -3.35
CA TRP A 44 -7.73 -9.71 -2.58
C TRP A 44 -8.25 -10.98 -3.26
N GLU A 45 -8.48 -10.91 -4.57
CA GLU A 45 -8.96 -12.07 -5.31
C GLU A 45 -7.98 -13.24 -5.15
N ASN A 46 -6.69 -12.96 -5.22
CA ASN A 46 -5.67 -13.99 -5.07
C ASN A 46 -5.72 -14.59 -3.66
N LEU A 47 -5.86 -13.73 -2.66
CA LEU A 47 -5.90 -14.17 -1.28
C LEU A 47 -7.16 -15.01 -1.03
N LYS A 48 -8.28 -14.56 -1.58
CA LYS A 48 -9.55 -15.24 -1.39
C LYS A 48 -9.51 -16.65 -1.95
N SER A 49 -8.90 -16.80 -3.12
CA SER A 49 -8.87 -18.07 -3.84
C SER A 49 -7.72 -18.96 -3.38
N GLY A 50 -6.91 -18.48 -2.45
CA GLY A 50 -5.78 -19.24 -1.97
C GLY A 50 -4.69 -19.43 -3.02
N LYS A 51 -4.49 -18.41 -3.86
CA LYS A 51 -3.59 -18.51 -5.00
C LYS A 51 -2.11 -18.56 -4.59
N ASP A 52 -1.39 -19.55 -5.10
CA ASP A 52 0.05 -19.66 -4.92
C ASP A 52 0.75 -18.81 -5.98
N CYS A 53 1.38 -17.72 -5.55
CA CYS A 53 1.92 -16.73 -6.48
C CYS A 53 3.42 -16.88 -6.72
N ILE A 54 3.98 -17.99 -6.25
CA ILE A 54 5.41 -18.24 -6.44
C ILE A 54 5.69 -18.74 -7.85
N THR A 55 6.77 -18.25 -8.44
CA THR A 55 7.21 -18.70 -9.75
C THR A 55 8.72 -18.83 -9.77
N GLU A 56 9.27 -19.30 -10.88
CA GLU A 56 10.71 -19.29 -11.08
C GLU A 56 11.17 -17.87 -11.39
N ILE A 57 12.45 -17.60 -11.14
CA ILE A 57 13.02 -16.29 -11.43
C ILE A 57 12.80 -15.94 -12.90
N PRO A 58 12.23 -14.76 -13.19
CA PRO A 58 12.09 -14.34 -14.59
C PRO A 58 13.45 -14.20 -15.28
N GLU A 59 13.55 -14.67 -16.53
CA GLU A 59 14.79 -14.58 -17.28
C GLU A 59 15.26 -13.14 -17.41
N GLU A 60 14.31 -12.21 -17.35
CA GLU A 60 14.61 -10.78 -17.43
C GLU A 60 15.55 -10.33 -16.30
N ARG A 61 15.32 -10.84 -15.10
CA ARG A 61 16.14 -10.47 -13.94
C ARG A 61 17.56 -11.00 -14.11
N TRP A 62 17.67 -12.31 -14.31
CA TRP A 62 18.96 -12.95 -14.58
C TRP A 62 18.74 -14.39 -15.03
N SER A 63 19.75 -14.95 -15.66
CA SER A 63 19.70 -16.33 -16.17
C SER A 63 20.00 -17.34 -15.06
N LEU A 64 19.46 -18.53 -15.19
CA LEU A 64 19.70 -19.60 -14.21
C LEU A 64 21.04 -20.29 -14.47
N ASP A 65 21.51 -20.22 -15.70
CA ASP A 65 22.79 -20.84 -16.06
C ASP A 65 23.93 -20.16 -15.30
N GLY A 66 24.68 -20.96 -14.54
CA GLY A 66 25.77 -20.46 -13.74
C GLY A 66 25.30 -19.93 -12.40
N PHE A 67 23.99 -19.90 -12.20
CA PHE A 67 23.40 -19.36 -10.98
C PHE A 67 22.79 -20.45 -10.12
N PHE A 68 22.00 -21.33 -10.73
CA PHE A 68 21.24 -22.31 -9.97
C PHE A 68 21.95 -23.66 -9.88
N GLU A 69 22.05 -24.18 -8.66
CA GLU A 69 22.56 -25.53 -8.41
C GLU A 69 21.67 -26.20 -7.37
N PRO A 70 20.93 -27.25 -7.76
CA PRO A 70 19.92 -27.82 -6.85
C PRO A 70 20.49 -28.44 -5.57
N ASP A 71 21.70 -28.98 -5.63
CA ASP A 71 22.34 -29.52 -4.43
C ASP A 71 22.73 -28.34 -3.55
N PRO A 72 22.06 -28.18 -2.38
CA PRO A 72 22.30 -26.97 -1.58
C PRO A 72 23.74 -26.79 -1.14
N ASP A 73 24.38 -27.89 -0.75
CA ASP A 73 25.72 -27.81 -0.20
C ASP A 73 26.74 -27.59 -1.31
N LYS A 74 26.50 -28.19 -2.48
CA LYS A 74 27.32 -27.94 -3.65
C LYS A 74 27.15 -26.49 -4.11
N ALA A 75 25.92 -25.99 -4.02
CA ALA A 75 25.63 -24.61 -4.44
C ALA A 75 26.42 -23.62 -3.60
N VAL A 76 26.43 -23.84 -2.29
CA VAL A 76 27.15 -22.97 -1.38
C VAL A 76 28.65 -23.02 -1.69
N ALA A 77 29.16 -24.22 -1.95
CA ALA A 77 30.58 -24.39 -2.24
C ALA A 77 30.99 -23.67 -3.52
N GLU A 78 30.07 -23.56 -4.48
CA GLU A 78 30.40 -23.00 -5.78
C GLU A 78 29.85 -21.59 -5.98
N GLY A 79 29.47 -20.93 -4.89
CA GLY A 79 28.97 -19.56 -4.97
C GLY A 79 27.74 -19.46 -5.82
N LYS A 80 26.85 -20.45 -5.68
CA LYS A 80 25.61 -20.48 -6.45
C LYS A 80 24.41 -20.49 -5.51
N SER A 81 23.22 -20.50 -6.09
CA SER A 81 21.98 -20.53 -5.33
C SER A 81 21.26 -21.85 -5.55
N TYR A 82 20.74 -22.44 -4.48
CA TYR A 82 19.94 -23.65 -4.60
C TYR A 82 18.45 -23.30 -4.63
N GLY A 83 18.16 -22.01 -4.63
CA GLY A 83 16.80 -21.52 -4.84
C GLY A 83 16.67 -20.83 -6.19
N LYS A 84 15.58 -21.10 -6.89
CA LYS A 84 15.30 -20.44 -8.15
C LYS A 84 13.86 -19.93 -8.20
N TRP A 85 13.25 -19.78 -7.03
CA TRP A 85 11.84 -19.44 -6.93
C TRP A 85 11.63 -18.13 -6.18
N GLY A 86 10.53 -17.46 -6.46
CA GLY A 86 10.19 -16.21 -5.80
C GLY A 86 8.80 -15.72 -6.15
N GLY A 87 8.31 -14.80 -5.32
CA GLY A 87 7.09 -14.05 -5.64
C GLY A 87 7.48 -12.71 -6.24
N PHE A 88 7.29 -12.57 -7.54
CA PHE A 88 7.79 -11.40 -8.25
C PHE A 88 6.70 -10.45 -8.68
N VAL A 89 6.98 -9.16 -8.58
CA VAL A 89 6.05 -8.13 -9.06
C VAL A 89 6.28 -7.92 -10.55
N ASP A 90 5.18 -7.75 -11.27
CA ASP A 90 5.24 -7.40 -12.69
C ASP A 90 5.56 -5.91 -12.83
N GLY A 91 6.25 -5.56 -13.91
CA GLY A 91 6.59 -4.17 -14.19
C GLY A 91 7.53 -3.55 -13.19
N PHE A 92 8.45 -4.34 -12.64
CA PHE A 92 9.37 -3.88 -11.61
C PHE A 92 10.23 -2.71 -12.11
N ALA A 93 10.53 -2.70 -13.41
CA ALA A 93 11.39 -1.66 -13.98
C ALA A 93 10.60 -0.58 -14.71
N ASP A 94 9.28 -0.59 -14.56
CA ASP A 94 8.42 0.41 -15.20
C ASP A 94 8.43 1.71 -14.42
N PHE A 95 8.40 2.83 -15.13
CA PHE A 95 8.36 4.15 -14.51
C PHE A 95 7.83 5.19 -15.50
N ASP A 96 7.27 6.27 -14.95
CA ASP A 96 6.77 7.38 -15.75
C ASP A 96 7.58 8.62 -15.38
N PRO A 97 8.84 8.71 -15.84
CA PRO A 97 9.72 9.79 -15.42
C PRO A 97 9.23 11.19 -15.78
N LEU A 98 8.65 11.36 -16.97
CA LEU A 98 8.10 12.64 -17.35
C LEU A 98 7.08 13.12 -16.33
N PHE A 99 6.23 12.21 -15.86
CA PHE A 99 5.23 12.54 -14.84
C PHE A 99 5.89 13.16 -13.62
N PHE A 100 7.05 12.62 -13.25
CA PHE A 100 7.74 13.07 -12.04
C PHE A 100 8.82 14.09 -12.34
N ASN A 101 8.72 14.72 -13.52
CA ASN A 101 9.67 15.74 -13.95
C ASN A 101 11.10 15.21 -13.94
N MET A 102 11.26 13.96 -14.38
N MET A 102 11.26 13.96 -14.38
CA MET A 102 12.57 13.33 -14.47
CA MET A 102 12.58 13.34 -14.47
C MET A 102 12.89 12.95 -15.91
C MET A 102 12.88 12.94 -15.90
N SER A 103 14.17 12.85 -16.21
CA SER A 103 14.60 12.43 -17.54
C SER A 103 14.68 10.90 -17.63
N PRO A 104 14.57 10.34 -18.85
CA PRO A 104 14.70 8.89 -19.02
C PRO A 104 16.05 8.37 -18.55
N TRP A 105 17.09 9.20 -18.72
CA TRP A 105 18.42 8.89 -18.24
C TRP A 105 18.45 8.90 -16.71
N GLU A 106 17.81 9.89 -16.11
CA GLU A 106 17.72 9.98 -14.65
C GLU A 106 17.06 8.73 -14.07
N ALA A 107 16.00 8.28 -14.73
CA ALA A 107 15.23 7.14 -14.24
C ALA A 107 16.08 5.88 -14.18
N MET A 108 16.96 5.72 -15.18
CA MET A 108 17.81 4.54 -15.28
C MET A 108 18.77 4.45 -14.11
N HIS A 109 19.18 5.60 -13.59
CA HIS A 109 20.08 5.68 -12.45
C HIS A 109 19.39 5.34 -11.15
N PHE A 110 18.09 5.59 -11.10
CA PHE A 110 17.28 5.33 -9.91
C PHE A 110 17.02 3.85 -9.66
N ASP A 111 17.27 3.40 -8.43
CA ASP A 111 16.93 2.04 -8.04
C ASP A 111 15.43 1.83 -8.29
N PRO A 112 15.05 0.80 -9.05
CA PRO A 112 13.63 0.55 -9.29
C PRO A 112 12.78 0.51 -8.01
N GLN A 113 13.37 0.08 -6.90
CA GLN A 113 12.64 0.07 -5.63
C GLN A 113 12.16 1.49 -5.30
N GLU A 114 13.02 2.46 -5.52
CA GLU A 114 12.69 3.85 -5.20
C GLU A 114 11.65 4.39 -6.17
N ARG A 115 11.71 3.92 -7.41
CA ARG A 115 10.72 4.28 -8.43
C ARG A 115 9.33 3.77 -8.05
N LEU A 116 9.25 2.49 -7.69
CA LEU A 116 7.97 1.90 -7.30
C LEU A 116 7.37 2.63 -6.12
N PHE A 117 8.22 3.00 -5.18
CA PHE A 117 7.78 3.70 -3.97
C PHE A 117 7.28 5.10 -4.32
N MET A 118 7.93 5.76 -5.27
CA MET A 118 7.50 7.08 -5.72
CA MET A 118 7.50 7.08 -5.72
C MET A 118 6.07 7.03 -6.23
N GLU A 119 5.80 6.07 -7.11
CA GLU A 119 4.47 5.92 -7.68
C GLU A 119 3.47 5.54 -6.60
N SER A 120 3.89 4.67 -5.68
CA SER A 120 3.01 4.20 -4.63
C SER A 120 2.56 5.34 -3.71
N CYS A 121 3.47 6.27 -3.44
CA CYS A 121 3.16 7.40 -2.59
C CYS A 121 2.21 8.36 -3.31
N TRP A 122 2.36 8.50 -4.61
CA TRP A 122 1.42 9.31 -5.37
C TRP A 122 0.05 8.66 -5.31
N GLU A 123 0.04 7.35 -5.49
CA GLU A 123 -1.21 6.59 -5.51
C GLU A 123 -1.98 6.68 -4.18
N VAL A 124 -1.25 6.63 -3.07
CA VAL A 124 -1.90 6.58 -1.76
C VAL A 124 -2.58 7.92 -1.44
N LEU A 125 -1.99 9.03 -1.86
CA LEU A 125 -2.65 10.32 -1.72
C LEU A 125 -3.96 10.34 -2.51
N GLU A 126 -3.92 9.85 -3.75
CA GLU A 126 -5.10 9.81 -4.60
C GLU A 126 -6.16 8.85 -4.07
N ASP A 127 -5.73 7.74 -3.49
CA ASP A 127 -6.68 6.79 -2.90
C ASP A 127 -7.43 7.46 -1.76
N ALA A 128 -6.68 8.21 -0.94
CA ALA A 128 -7.24 8.93 0.18
C ALA A 128 -8.10 10.10 -0.27
N GLY A 129 -7.86 10.58 -1.48
CA GLY A 129 -8.59 11.71 -2.02
C GLY A 129 -7.93 13.04 -1.66
N TYR A 130 -6.61 13.06 -1.68
CA TYR A 130 -5.82 14.23 -1.33
C TYR A 130 -4.98 14.71 -2.51
N THR A 131 -4.77 16.01 -2.58
CA THR A 131 -3.86 16.59 -3.54
C THR A 131 -2.69 17.23 -2.79
N ARG A 132 -1.60 17.48 -3.50
CA ARG A 132 -0.47 18.18 -2.92
C ARG A 132 -0.90 19.56 -2.43
N GLN A 133 -1.77 20.20 -3.18
CA GLN A 133 -2.24 21.55 -2.86
C GLN A 133 -2.98 21.55 -1.52
N GLN A 134 -3.84 20.56 -1.32
CA GLN A 134 -4.61 20.44 -0.09
CA GLN A 134 -4.61 20.44 -0.09
C GLN A 134 -3.69 20.19 1.10
N LEU A 135 -2.65 19.39 0.89
CA LEU A 135 -1.70 19.10 1.96
C LEU A 135 -0.94 20.37 2.35
N ALA A 136 -0.71 21.25 1.38
CA ALA A 136 0.00 22.49 1.64
C ALA A 136 -0.91 23.51 2.31
N GLU A 137 -2.16 23.61 1.86
CA GLU A 137 -3.05 24.67 2.33
C GLU A 137 -3.68 24.30 3.68
N LYS A 138 -4.15 23.07 3.81
CA LYS A 138 -4.88 22.66 4.99
C LYS A 138 -3.97 22.12 6.10
N TYR A 139 -2.84 21.52 5.72
CA TYR A 139 -1.97 20.87 6.70
C TYR A 139 -0.56 21.47 6.76
N ASN A 140 -0.36 22.59 6.08
N ASN A 140 -0.36 22.58 6.06
CA ASN A 140 0.92 23.27 6.04
CA ASN A 140 0.92 23.26 6.04
C ASN A 140 2.07 22.31 5.73
C ASN A 140 2.08 22.31 5.74
N ARG A 141 1.82 21.35 4.86
CA ARG A 141 2.84 20.40 4.41
C ARG A 141 3.43 19.54 5.52
N ARG A 142 2.78 19.50 6.68
CA ARG A 142 3.27 18.71 7.80
CA ARG A 142 3.27 18.71 7.80
C ARG A 142 2.93 17.24 7.62
N VAL A 143 3.61 16.61 6.67
CA VAL A 143 3.38 15.22 6.32
C VAL A 143 4.70 14.47 6.38
N GLY A 144 4.74 13.40 7.16
CA GLY A 144 5.94 12.59 7.27
C GLY A 144 5.96 11.44 6.28
N VAL A 145 7.15 10.99 5.92
CA VAL A 145 7.31 9.87 5.01
C VAL A 145 8.27 8.85 5.62
N PHE A 146 7.75 7.67 5.92
CA PHE A 146 8.52 6.60 6.56
C PHE A 146 8.48 5.35 5.69
N GLY A 147 9.61 5.06 5.05
CA GLY A 147 9.65 4.00 4.06
C GLY A 147 10.58 2.87 4.43
N GLY A 148 10.02 1.67 4.53
CA GLY A 148 10.80 0.48 4.81
C GLY A 148 11.54 -0.01 3.58
N ILE A 149 12.82 -0.29 3.74
CA ILE A 149 13.65 -0.79 2.65
C ILE A 149 14.89 -1.47 3.24
N THR A 150 15.40 -2.49 2.58
CA THR A 150 16.53 -3.23 3.12
C THR A 150 17.41 -3.82 2.04
N LYS A 151 16.86 -4.03 0.85
CA LYS A 151 17.61 -4.68 -0.22
C LYS A 151 18.50 -3.73 -0.99
N THR A 152 19.74 -4.18 -1.14
CA THR A 152 20.75 -3.53 -1.95
C THR A 152 21.08 -4.53 -3.06
N GLY A 153 21.80 -4.09 -4.09
CA GLY A 153 22.19 -4.98 -5.16
C GLY A 153 22.19 -4.29 -6.50
N PHE A 154 21.33 -3.30 -6.64
CA PHE A 154 21.26 -2.48 -7.84
C PHE A 154 22.65 -1.92 -8.15
N SER A 155 23.38 -1.54 -7.10
CA SER A 155 24.67 -0.88 -7.27
C SER A 155 25.75 -1.84 -7.76
N LEU A 156 25.52 -3.13 -7.57
CA LEU A 156 26.51 -4.14 -7.91
C LEU A 156 26.76 -4.22 -9.42
N TYR A 157 25.81 -3.70 -10.20
CA TYR A 157 25.97 -3.68 -11.66
C TYR A 157 26.97 -2.61 -12.11
N GLY A 158 27.35 -1.73 -11.20
CA GLY A 158 28.22 -0.60 -11.53
C GLY A 158 29.59 -0.96 -12.09
N PRO A 159 30.39 -1.72 -11.32
CA PRO A 159 31.77 -2.01 -11.67
C PRO A 159 31.99 -2.55 -13.09
N ASP A 160 31.15 -3.47 -13.56
CA ASP A 160 31.31 -4.00 -14.91
C ASP A 160 30.99 -2.93 -15.96
N LEU A 161 30.06 -2.05 -15.64
CA LEU A 161 29.73 -0.94 -16.53
C LEU A 161 30.88 0.07 -16.62
N TRP A 162 31.54 0.32 -15.49
CA TRP A 162 32.62 1.29 -15.43
C TRP A 162 33.85 0.78 -16.18
N LYS A 163 34.06 -0.54 -16.18
CA LYS A 163 35.16 -1.13 -16.93
C LYS A 163 34.98 -0.87 -18.42
N GLN A 164 33.74 -0.82 -18.87
CA GLN A 164 33.43 -0.56 -20.27
C GLN A 164 33.35 0.93 -20.57
N GLY A 165 33.57 1.75 -19.54
CA GLY A 165 33.64 3.20 -19.72
C GLY A 165 32.30 3.91 -19.63
N GLU A 166 31.25 3.18 -19.29
CA GLU A 166 29.92 3.78 -19.19
C GLU A 166 29.86 4.72 -18.00
N LEU A 167 29.31 5.90 -18.21
CA LEU A 167 29.10 6.87 -17.14
C LEU A 167 27.75 6.62 -16.51
N ILE A 168 27.54 5.39 -16.06
CA ILE A 168 26.32 4.99 -15.41
C ILE A 168 26.66 4.54 -13.99
N TYR A 169 26.05 5.20 -13.01
CA TYR A 169 26.35 4.95 -11.62
C TYR A 169 25.09 4.51 -10.89
N PRO A 170 24.70 3.24 -11.07
CA PRO A 170 23.51 2.76 -10.37
C PRO A 170 23.72 2.80 -8.87
N HIS A 171 22.83 3.46 -8.14
CA HIS A 171 22.99 3.53 -6.68
C HIS A 171 21.65 3.41 -5.96
N THR A 172 21.73 2.80 -4.78
CA THR A 172 20.58 2.64 -3.90
C THR A 172 20.76 3.59 -2.73
N SER A 173 19.92 4.60 -2.66
CA SER A 173 19.97 5.58 -1.59
C SER A 173 18.70 5.44 -0.75
N PHE A 174 18.85 4.82 0.41
CA PHE A 174 17.72 4.63 1.30
C PHE A 174 17.12 5.98 1.63
N SER A 175 17.98 6.96 1.88
CA SER A 175 17.51 8.29 2.23
C SER A 175 16.66 8.86 1.10
N SER A 176 17.07 8.61 -0.14
CA SER A 176 16.34 9.14 -1.30
C SER A 176 14.99 8.48 -1.46
N LEU A 177 14.84 7.25 -0.96
CA LEU A 177 13.56 6.55 -1.00
C LEU A 177 12.46 7.47 -0.53
N THR A 178 12.70 8.14 0.60
CA THR A 178 11.71 9.03 1.19
C THR A 178 11.91 10.49 0.78
N ASN A 179 13.17 10.93 0.65
CA ASN A 179 13.45 12.32 0.33
C ASN A 179 12.90 12.74 -1.04
N ARG A 180 12.96 11.81 -2.00
CA ARG A 180 12.43 12.07 -3.34
C ARG A 180 10.94 12.31 -3.28
N VAL A 181 10.27 11.56 -2.41
CA VAL A 181 8.83 11.68 -2.24
C VAL A 181 8.51 13.01 -1.57
N SER A 182 9.23 13.33 -0.49
CA SER A 182 9.03 14.58 0.22
C SER A 182 9.27 15.78 -0.71
N TYR A 183 10.27 15.67 -1.56
CA TYR A 183 10.58 16.73 -2.52
C TYR A 183 9.46 16.89 -3.52
N PHE A 184 9.12 15.81 -4.21
CA PHE A 184 8.13 15.88 -5.28
C PHE A 184 6.75 16.22 -4.75
N LEU A 185 6.34 15.59 -3.65
CA LEU A 185 5.01 15.86 -3.09
C LEU A 185 5.00 17.13 -2.24
N ASN A 186 6.16 17.76 -2.08
CA ASN A 186 6.28 19.01 -1.34
C ASN A 186 5.80 18.84 0.09
N LEU A 187 6.47 17.95 0.82
CA LEU A 187 6.15 17.65 2.21
C LEU A 187 7.33 18.05 3.10
N GLN A 188 7.06 18.54 4.30
CA GLN A 188 8.12 19.03 5.17
C GLN A 188 8.18 18.30 6.51
N GLY A 189 7.41 17.23 6.64
CA GLY A 189 7.50 16.38 7.82
C GLY A 189 8.75 15.52 7.77
N PRO A 190 9.00 14.75 8.83
CA PRO A 190 10.16 13.84 8.84
C PRO A 190 10.17 12.94 7.61
N SER A 191 11.32 12.86 6.96
CA SER A 191 11.47 12.03 5.77
C SER A 191 12.65 11.08 6.00
N MET A 192 12.38 9.85 6.38
CA MET A 192 13.48 8.92 6.61
C MET A 192 13.16 7.48 6.28
N PRO A 193 14.14 6.75 5.74
CA PRO A 193 13.92 5.33 5.47
C PRO A 193 14.03 4.54 6.75
N ILE A 194 13.40 3.36 6.79
CA ILE A 194 13.51 2.46 7.91
C ILE A 194 14.13 1.16 7.42
N ASP A 195 15.29 0.79 7.96
CA ASP A 195 15.89 -0.50 7.66
C ASP A 195 16.12 -1.31 8.94
N THR A 196 15.13 -2.09 9.32
CA THR A 196 15.28 -3.07 10.40
C THR A 196 15.21 -4.48 9.82
N MET A 197 15.68 -4.62 8.58
CA MET A 197 15.58 -5.86 7.82
C MET A 197 14.12 -6.26 7.62
N CSD A 198 13.77 -7.49 8.02
CA CSD A 198 12.50 -8.09 7.68
CB CSD A 198 12.41 -9.58 8.02
SG CSD A 198 13.76 -10.58 7.65
C CSD A 198 11.28 -7.40 8.31
O CSD A 198 10.13 -7.65 7.94
OD1 CSD A 198 14.97 -10.05 8.15
OD2 CSD A 198 13.42 -11.90 7.99
H CSD A 198 14.35 -8.10 8.56
HA CSD A 198 12.37 -7.96 6.56
HB2 CSD A 198 11.48 -9.99 7.56
HB3 CSD A 198 12.24 -9.67 9.14
N SER A 199 11.54 -6.54 9.29
CA SER A 199 10.46 -5.84 9.98
C SER A 199 10.37 -4.38 9.55
N ALA A 200 11.05 -4.03 8.46
CA ALA A 200 11.20 -2.62 8.08
C ALA A 200 9.87 -1.89 7.97
N SER A 201 8.94 -2.40 7.16
CA SER A 201 7.73 -1.64 6.87
C SER A 201 6.77 -1.63 8.06
N LEU A 202 6.84 -2.62 8.93
CA LEU A 202 5.99 -2.59 10.11
C LEU A 202 6.58 -1.63 11.14
N THR A 203 7.90 -1.56 11.17
CA THR A 203 8.58 -0.57 12.02
C THR A 203 8.28 0.84 11.52
N ALA A 204 8.22 0.99 10.20
CA ALA A 204 7.87 2.27 9.61
C ALA A 204 6.49 2.73 10.09
N ILE A 205 5.56 1.79 10.19
CA ILE A 205 4.21 2.12 10.64
C ILE A 205 4.27 2.56 12.10
N HIS A 206 5.06 1.86 12.90
CA HIS A 206 5.22 2.23 14.30
C HIS A 206 5.79 3.64 14.43
N GLU A 207 6.86 3.91 13.69
CA GLU A 207 7.50 5.20 13.76
C GLU A 207 6.58 6.31 13.26
N ALA A 208 5.83 6.02 12.21
CA ALA A 208 4.87 6.99 11.66
C ALA A 208 3.83 7.37 12.71
N CYS A 209 3.24 6.37 13.36
CA CYS A 209 2.24 6.61 14.40
C CYS A 209 2.83 7.43 15.55
N GLU A 210 4.02 7.05 16.01
CA GLU A 210 4.65 7.74 17.13
C GLU A 210 4.97 9.19 16.78
N HIS A 211 5.33 9.43 15.52
CA HIS A 211 5.67 10.78 15.09
C HIS A 211 4.39 11.62 14.96
N LEU A 212 3.25 10.97 14.74
CA LEU A 212 1.97 11.67 14.74
C LEU A 212 1.63 12.04 16.18
N TYR A 213 1.84 11.10 17.10
CA TYR A 213 1.52 11.31 18.50
C TYR A 213 2.33 12.44 19.13
N ASN A 214 3.61 12.56 18.75
CA ASN A 214 4.45 13.60 19.35
C ASN A 214 4.38 14.92 18.56
N GLY A 215 3.53 14.96 17.54
CA GLY A 215 3.30 16.18 16.80
C GLY A 215 4.39 16.55 15.80
N ASP A 216 5.20 15.59 15.39
CA ASP A 216 6.25 15.82 14.39
C ASP A 216 5.61 16.04 13.01
N CYS A 217 4.37 15.59 12.86
CA CYS A 217 3.60 15.81 11.63
C CYS A 217 2.12 15.57 11.90
N GLU A 218 1.27 16.01 10.97
CA GLU A 218 -0.17 15.87 11.12
C GLU A 218 -0.71 14.71 10.29
N LEU A 219 0.01 14.35 9.24
CA LEU A 219 -0.25 13.12 8.49
C LEU A 219 1.05 12.38 8.25
N ALA A 220 0.95 11.09 7.96
CA ALA A 220 2.14 10.31 7.65
C ALA A 220 1.89 9.26 6.58
N ILE A 221 2.84 9.16 5.65
CA ILE A 221 2.90 8.03 4.72
C ILE A 221 3.87 7.02 5.32
N ALA A 222 3.41 5.77 5.44
CA ALA A 222 4.23 4.68 5.92
C ALA A 222 4.07 3.46 5.02
N GLY A 223 5.18 2.77 4.77
CA GLY A 223 5.13 1.58 3.94
C GLY A 223 6.52 1.01 3.69
N GLY A 224 6.67 0.31 2.58
CA GLY A 224 7.95 -0.26 2.21
C GLY A 224 7.98 -0.83 0.82
N VAL A 225 9.16 -1.28 0.41
CA VAL A 225 9.37 -1.82 -0.92
C VAL A 225 10.46 -2.89 -0.84
N ASN A 226 10.38 -3.88 -1.72
CA ASN A 226 11.35 -4.96 -1.74
C ASN A 226 11.40 -5.58 -3.13
N LEU A 227 12.58 -5.49 -3.75
CA LEU A 227 12.82 -6.12 -5.05
C LEU A 227 14.15 -6.89 -5.05
N TYR A 228 14.19 -7.98 -5.81
CA TYR A 228 15.44 -8.72 -6.03
C TYR A 228 15.97 -8.41 -7.42
N LEU A 229 17.07 -7.68 -7.47
CA LEU A 229 17.58 -7.11 -8.71
C LEU A 229 18.90 -7.74 -9.16
N HIS A 230 19.65 -8.30 -8.23
CA HIS A 230 20.94 -8.92 -8.54
C HIS A 230 20.99 -10.34 -7.99
N PRO A 231 21.52 -11.29 -8.79
CA PRO A 231 21.47 -12.69 -8.36
C PRO A 231 22.20 -12.97 -7.04
N SER A 232 23.16 -12.12 -6.69
CA SER A 232 23.96 -12.33 -5.48
C SER A 232 23.08 -12.37 -4.23
N SER A 233 21.90 -11.77 -4.31
CA SER A 233 20.96 -11.79 -3.19
C SER A 233 20.54 -13.22 -2.87
N TYR A 234 20.30 -14.01 -3.91
CA TYR A 234 19.95 -15.42 -3.72
C TYR A 234 21.17 -16.22 -3.30
N VAL A 235 22.33 -15.91 -3.87
CA VAL A 235 23.54 -16.64 -3.53
C VAL A 235 23.84 -16.46 -2.05
N PHE A 236 23.62 -15.26 -1.54
CA PHE A 236 23.89 -14.97 -0.13
C PHE A 236 22.89 -15.66 0.79
N LEU A 237 21.62 -15.63 0.41
CA LEU A 237 20.59 -16.29 1.21
C LEU A 237 20.83 -17.80 1.21
N SER A 238 21.37 -18.32 0.12
CA SER A 238 21.73 -19.74 0.05
C SER A 238 22.89 -20.03 0.99
N ALA A 239 23.89 -19.16 0.96
CA ALA A 239 25.08 -19.33 1.80
C ALA A 239 24.70 -19.38 3.27
N LEU A 240 23.61 -18.71 3.62
CA LEU A 240 23.12 -18.71 4.99
C LEU A 240 22.08 -19.81 5.21
N HIS A 241 21.85 -20.62 4.18
CA HIS A 241 20.86 -21.70 4.23
C HIS A 241 19.49 -21.20 4.69
N MET A 242 19.12 -20.00 4.27
CA MET A 242 17.83 -19.43 4.64
C MET A 242 16.72 -19.80 3.66
N LEU A 243 17.09 -20.34 2.51
CA LEU A 243 16.10 -20.64 1.48
C LEU A 243 15.54 -22.06 1.62
N SER A 244 14.24 -22.18 1.36
CA SER A 244 13.60 -23.48 1.25
C SER A 244 13.97 -24.15 -0.07
N VAL A 245 14.36 -25.41 0.00
CA VAL A 245 14.66 -26.18 -1.22
C VAL A 245 13.38 -26.45 -2.00
N ASP A 246 12.23 -26.24 -1.36
CA ASP A 246 10.95 -26.47 -2.01
C ASP A 246 10.34 -25.15 -2.53
N GLY A 247 11.04 -24.05 -2.32
CA GLY A 247 10.60 -22.75 -2.81
C GLY A 247 9.28 -22.29 -2.22
N GLN A 248 9.04 -22.63 -0.96
CA GLN A 248 7.80 -22.27 -0.28
C GLN A 248 8.00 -21.79 1.15
N CYS A 249 7.16 -20.86 1.57
CA CYS A 249 7.01 -20.53 2.97
C CYS A 249 5.89 -21.38 3.57
N LYS A 250 6.25 -22.50 4.19
CA LYS A 250 5.24 -23.40 4.76
C LYS A 250 4.87 -22.93 6.17
N SER A 251 4.19 -21.79 6.24
CA SER A 251 3.91 -21.13 7.52
C SER A 251 3.18 -22.07 8.49
N PHE A 252 3.88 -22.45 9.55
CA PHE A 252 3.34 -23.35 10.59
C PHE A 252 2.94 -24.72 10.06
N GLY A 253 3.45 -25.06 8.87
CA GLY A 253 3.15 -26.34 8.28
C GLY A 253 4.26 -27.34 8.49
N GLN A 254 3.93 -28.63 8.33
CA GLN A 254 4.93 -29.67 8.41
C GLN A 254 6.00 -29.43 7.35
N GLY A 255 7.25 -29.65 7.72
CA GLY A 255 8.36 -29.59 6.77
C GLY A 255 8.78 -28.19 6.37
N GLY A 256 8.38 -27.18 7.13
CA GLY A 256 8.86 -25.84 6.92
C GLY A 256 10.38 -25.86 7.05
N ASN A 257 11.07 -25.44 6.00
CA ASN A 257 12.51 -25.65 5.89
C ASN A 257 13.22 -24.44 5.29
N GLY A 258 12.71 -23.25 5.61
CA GLY A 258 13.26 -22.01 5.08
C GLY A 258 12.18 -21.22 4.37
N PHE A 259 12.55 -20.08 3.79
CA PHE A 259 11.56 -19.27 3.11
C PHE A 259 11.88 -19.17 1.62
N VAL A 260 10.94 -18.60 0.87
CA VAL A 260 11.13 -18.28 -0.52
C VAL A 260 10.96 -16.77 -0.64
N PRO A 261 11.90 -16.08 -1.32
CA PRO A 261 11.81 -14.62 -1.33
C PRO A 261 10.62 -14.09 -2.12
N GLY A 262 10.23 -12.85 -1.83
CA GLY A 262 9.09 -12.23 -2.50
C GLY A 262 9.24 -10.73 -2.62
N GLU A 263 8.52 -10.16 -3.58
CA GLU A 263 8.63 -8.73 -3.89
C GLU A 263 7.33 -8.00 -3.65
N GLY A 264 7.43 -6.70 -3.39
CA GLY A 264 6.25 -5.88 -3.24
C GLY A 264 6.54 -4.44 -2.90
N VAL A 265 5.50 -3.62 -3.04
CA VAL A 265 5.56 -2.23 -2.64
C VAL A 265 4.17 -1.86 -2.13
N GLY A 266 4.12 -1.14 -1.03
CA GLY A 266 2.84 -0.71 -0.49
C GLY A 266 3.01 0.44 0.48
N THR A 267 1.95 1.20 0.65
CA THR A 267 1.96 2.34 1.56
C THR A 267 0.58 2.49 2.19
N VAL A 268 0.55 3.16 3.33
CA VAL A 268 -0.71 3.61 3.91
C VAL A 268 -0.56 5.06 4.28
N LEU A 269 -1.68 5.78 4.27
CA LEU A 269 -1.70 7.16 4.72
C LEU A 269 -2.40 7.21 6.08
N LEU A 270 -1.72 7.81 7.05
CA LEU A 270 -2.18 7.75 8.43
C LEU A 270 -2.55 9.13 8.98
N LYS A 271 -3.63 9.18 9.75
CA LYS A 271 -4.06 10.40 10.41
C LYS A 271 -4.82 10.05 11.69
N PRO A 272 -4.63 10.83 12.76
CA PRO A 272 -5.40 10.58 13.99
C PRO A 272 -6.90 10.48 13.74
N LEU A 273 -7.55 9.52 14.39
CA LEU A 273 -8.94 9.20 14.13
C LEU A 273 -9.90 10.38 14.21
N SER A 274 -9.79 11.17 15.27
CA SER A 274 -10.75 12.26 15.49
C SER A 274 -10.74 13.24 14.33
N LYS A 275 -9.55 13.50 13.77
CA LYS A 275 -9.43 14.45 12.67
C LYS A 275 -9.88 13.82 11.35
N ALA A 276 -9.60 12.53 11.19
CA ALA A 276 -10.04 11.81 10.00
C ALA A 276 -11.55 11.80 9.91
N ILE A 277 -12.21 11.63 11.05
CA ILE A 277 -13.67 11.66 11.09
C ILE A 277 -14.16 13.07 10.78
N ALA A 278 -13.47 14.04 11.34
CA ALA A 278 -13.85 15.45 11.19
C ALA A 278 -13.70 15.92 9.74
N ASP A 279 -12.71 15.37 9.03
CA ASP A 279 -12.43 15.82 7.67
C ASP A 279 -13.17 14.98 6.62
N GLY A 280 -13.88 13.95 7.07
CA GLY A 280 -14.67 13.13 6.18
C GLY A 280 -13.88 12.13 5.35
N ASP A 281 -12.69 11.76 5.82
CA ASP A 281 -11.89 10.74 5.14
C ASP A 281 -12.61 9.41 5.15
N HIS A 282 -12.29 8.56 4.17
CA HIS A 282 -12.73 7.17 4.25
C HIS A 282 -11.67 6.38 5.02
N ILE A 283 -12.13 5.53 5.94
CA ILE A 283 -11.23 4.88 6.88
C ILE A 283 -11.22 3.37 6.65
N TYR A 284 -10.03 2.84 6.42
CA TYR A 284 -9.84 1.41 6.19
C TYR A 284 -9.88 0.63 7.49
N GLY A 285 -9.42 1.27 8.55
CA GLY A 285 -9.26 0.61 9.84
C GLY A 285 -8.51 1.50 10.79
N LEU A 286 -8.35 1.03 12.02
CA LEU A 286 -7.74 1.80 13.09
C LEU A 286 -6.50 1.10 13.63
N ILE A 287 -5.42 1.84 13.79
CA ILE A 287 -4.24 1.35 14.49
C ILE A 287 -4.40 1.74 15.96
N ARG A 288 -4.66 0.76 16.81
CA ARG A 288 -4.92 1.03 18.21
C ARG A 288 -3.65 0.98 19.05
N GLY A 289 -2.66 0.22 18.59
CA GLY A 289 -1.40 0.12 19.30
C GLY A 289 -0.27 -0.43 18.45
N THR A 290 0.95 0.04 18.72
CA THR A 290 2.13 -0.45 18.03
C THR A 290 3.29 -0.54 19.01
N SER A 291 4.23 -1.45 18.72
CA SER A 291 5.40 -1.62 19.55
C SER A 291 6.60 -2.11 18.74
N VAL A 292 7.78 -1.78 19.22
CA VAL A 292 9.02 -2.31 18.66
C VAL A 292 9.93 -2.65 19.81
N ASN A 293 10.83 -3.59 19.58
CA ASN A 293 11.92 -3.81 20.51
C ASN A 293 13.03 -4.55 19.79
N HIS A 294 14.01 -5.02 20.55
CA HIS A 294 15.06 -5.86 20.02
C HIS A 294 15.22 -7.08 20.91
N GLY A 295 15.58 -8.21 20.30
CA GLY A 295 15.74 -9.47 21.02
C GLY A 295 16.84 -9.50 22.06
N GLY A 296 17.84 -8.64 21.90
CA GLY A 296 19.01 -8.66 22.76
C GLY A 296 19.91 -9.84 22.47
N LYS A 297 20.61 -10.32 23.48
CA LYS A 297 21.54 -11.43 23.30
C LYS A 297 20.79 -12.75 23.30
N THR A 298 20.79 -13.42 22.15
CA THR A 298 20.23 -14.76 22.02
C THR A 298 21.37 -15.75 21.76
N ASN A 299 21.04 -16.99 21.44
CA ASN A 299 22.08 -17.99 21.22
C ASN A 299 22.77 -17.79 19.87
N GLY A 300 22.20 -16.93 19.03
CA GLY A 300 22.80 -16.63 17.75
C GLY A 300 22.28 -15.31 17.22
N TYR A 301 23.05 -14.64 16.39
CA TYR A 301 22.67 -13.32 15.88
C TYR A 301 21.29 -13.37 15.21
N THR A 302 21.02 -14.43 14.46
CA THR A 302 19.74 -14.53 13.76
C THR A 302 18.75 -15.44 14.49
N VAL A 303 19.01 -15.71 15.77
CA VAL A 303 18.12 -16.54 16.57
C VAL A 303 17.06 -15.68 17.27
N PRO A 304 15.77 -15.87 16.92
CA PRO A 304 14.73 -15.06 17.56
C PRO A 304 14.47 -15.40 19.03
N ASN A 305 13.93 -14.42 19.74
CA ASN A 305 13.74 -14.52 21.19
C ASN A 305 12.24 -14.58 21.52
N PRO A 306 11.75 -15.76 21.96
CA PRO A 306 10.30 -15.83 22.19
C PRO A 306 9.84 -14.94 23.34
N THR A 307 10.70 -14.72 24.32
CA THR A 307 10.33 -13.89 25.46
C THR A 307 10.23 -12.43 25.02
N ALA A 308 11.16 -12.00 24.18
CA ALA A 308 11.14 -10.65 23.63
C ALA A 308 9.89 -10.43 22.79
N GLN A 309 9.54 -11.43 21.97
CA GLN A 309 8.38 -11.34 21.10
C GLN A 309 7.11 -11.20 21.94
N GLY A 310 7.02 -12.00 23.00
CA GLY A 310 5.87 -11.94 23.88
C GLY A 310 5.70 -10.59 24.56
N GLU A 311 6.81 -10.01 25.01
CA GLU A 311 6.76 -8.70 25.67
C GLU A 311 6.37 -7.63 24.66
N LEU A 312 6.86 -7.78 23.44
CA LEU A 312 6.51 -6.87 22.34
C LEU A 312 5.00 -6.89 22.11
N ILE A 313 4.46 -8.08 21.93
CA ILE A 313 3.04 -8.24 21.63
C ILE A 313 2.20 -7.73 22.80
N ARG A 314 2.62 -8.06 24.02
CA ARG A 314 1.89 -7.63 25.21
C ARG A 314 1.88 -6.12 25.34
N GLN A 315 2.98 -5.46 24.98
CA GLN A 315 3.05 -4.00 25.06
C GLN A 315 2.11 -3.35 24.05
N ALA A 316 2.04 -3.91 22.85
CA ALA A 316 1.16 -3.38 21.81
C ALA A 316 -0.29 -3.53 22.25
N LEU A 317 -0.63 -4.71 22.77
CA LEU A 317 -1.97 -4.95 23.30
C LEU A 317 -2.29 -3.98 24.43
N ASP A 318 -1.35 -3.79 25.35
CA ASP A 318 -1.55 -2.89 26.48
C ASP A 318 -1.76 -1.45 26.00
N LYS A 319 -0.93 -1.00 25.07
CA LYS A 319 -1.06 0.34 24.52
C LYS A 319 -2.42 0.51 23.86
N ALA A 320 -2.88 -0.55 23.21
CA ALA A 320 -4.13 -0.52 22.44
C ALA A 320 -5.37 -0.60 23.33
N GLY A 321 -5.19 -1.08 24.56
CA GLY A 321 -6.31 -1.31 25.45
C GLY A 321 -7.10 -2.54 25.04
N VAL A 322 -6.43 -3.47 24.37
CA VAL A 322 -7.09 -4.66 23.85
C VAL A 322 -6.83 -5.90 24.73
N HIS A 323 -7.92 -6.62 25.02
CA HIS A 323 -7.88 -7.88 25.76
C HIS A 323 -7.69 -9.03 24.76
N ALA A 324 -6.77 -9.94 25.05
CA ALA A 324 -6.37 -10.96 24.06
C ALA A 324 -7.52 -11.87 23.64
N LYS A 325 -8.53 -12.02 24.50
CA LYS A 325 -9.70 -12.83 24.16
C LYS A 325 -10.50 -12.20 23.02
N THR A 326 -10.33 -10.91 22.82
CA THR A 326 -11.08 -10.17 21.78
C THR A 326 -10.30 -10.04 20.47
N VAL A 327 -9.05 -10.51 20.44
CA VAL A 327 -8.31 -10.59 19.19
C VAL A 327 -8.78 -11.84 18.45
N SER A 328 -9.18 -11.69 17.19
CA SER A 328 -9.76 -12.80 16.45
C SER A 328 -8.95 -13.21 15.21
N TYR A 329 -7.91 -12.45 14.89
CA TYR A 329 -6.98 -12.86 13.84
C TYR A 329 -5.57 -12.37 14.11
N ILE A 330 -4.60 -13.25 13.86
CA ILE A 330 -3.20 -12.85 13.88
C ILE A 330 -2.58 -13.12 12.51
N GLU A 331 -1.98 -12.07 11.93
CA GLU A 331 -1.11 -12.22 10.77
C GLU A 331 0.30 -12.43 11.31
N ALA A 332 0.77 -13.67 11.25
CA ALA A 332 2.07 -14.04 11.81
C ALA A 332 3.20 -13.62 10.89
N HIS A 333 4.38 -13.43 11.47
CA HIS A 333 5.60 -13.32 10.70
C HIS A 333 5.68 -14.56 9.81
N GLY A 334 5.65 -15.73 10.45
CA GLY A 334 5.42 -16.99 9.77
C GLY A 334 6.23 -17.28 8.52
N THR A 335 7.56 -17.28 8.65
CA THR A 335 8.42 -17.47 7.48
C THR A 335 8.54 -18.94 7.08
N GLY A 336 8.11 -19.85 7.95
CA GLY A 336 8.14 -21.26 7.63
C GLY A 336 9.48 -21.93 7.90
N THR A 337 10.12 -21.55 8.99
CA THR A 337 11.38 -22.19 9.39
C THR A 337 11.15 -23.13 10.56
N GLU A 338 11.95 -24.19 10.61
CA GLU A 338 11.84 -25.19 11.67
C GLU A 338 11.98 -24.54 13.05
N LEU A 339 12.91 -23.61 13.17
CA LEU A 339 13.20 -22.96 14.45
C LEU A 339 12.24 -21.79 14.73
N GLY A 340 11.91 -21.03 13.70
CA GLY A 340 11.19 -19.78 13.87
C GLY A 340 9.71 -19.90 14.16
N ASP A 341 9.04 -20.81 13.44
CA ASP A 341 7.59 -20.94 13.58
C ASP A 341 7.17 -21.33 15.01
N PRO A 342 7.82 -22.34 15.61
CA PRO A 342 7.41 -22.67 16.98
C PRO A 342 7.72 -21.56 17.98
N ILE A 343 8.79 -20.81 17.75
CA ILE A 343 9.14 -19.70 18.62
C ILE A 343 8.08 -18.60 18.52
N GLU A 344 7.55 -18.35 17.34
CA GLU A 344 6.55 -17.30 17.19
C GLU A 344 5.31 -17.62 18.02
N ILE A 345 4.89 -18.88 18.02
CA ILE A 345 3.70 -19.27 18.76
C ILE A 345 3.97 -19.13 20.27
N SER A 346 5.16 -19.52 20.71
CA SER A 346 5.54 -19.35 22.11
C SER A 346 5.43 -17.90 22.55
N GLY A 347 5.89 -16.99 21.69
CA GLY A 347 5.82 -15.57 22.00
C GLY A 347 4.39 -15.09 22.10
N LEU A 348 3.56 -15.54 21.17
CA LEU A 348 2.16 -15.14 21.14
C LEU A 348 1.41 -15.59 22.39
N ILE A 349 1.58 -16.85 22.79
CA ILE A 349 0.83 -17.36 23.93
C ILE A 349 1.34 -16.72 25.22
N GLN A 350 2.61 -16.36 25.27
CA GLN A 350 3.14 -15.67 26.43
C GLN A 350 2.38 -14.35 26.63
N ALA A 351 2.14 -13.63 25.55
CA ALA A 351 1.40 -12.38 25.64
C ALA A 351 -0.07 -12.63 25.95
N PHE A 352 -0.67 -13.54 25.20
CA PHE A 352 -2.11 -13.79 25.29
C PHE A 352 -2.53 -14.34 26.65
N ARG A 353 -1.71 -15.23 27.21
CA ARG A 353 -2.09 -15.95 28.42
C ARG A 353 -2.19 -15.04 29.64
N LYS A 354 -1.64 -13.84 29.56
CA LYS A 354 -1.81 -12.89 30.65
C LYS A 354 -3.25 -12.38 30.73
N ASP A 355 -4.01 -12.61 29.65
CA ASP A 355 -5.40 -12.19 29.59
C ASP A 355 -6.38 -13.38 29.68
N THR A 356 -6.02 -14.51 29.08
CA THR A 356 -6.94 -15.64 28.99
C THR A 356 -6.21 -16.96 28.80
N GLN A 357 -6.79 -18.03 29.35
CA GLN A 357 -6.28 -19.38 29.15
C GLN A 357 -7.07 -20.10 28.05
N ASP A 358 -8.06 -19.41 27.48
CA ASP A 358 -8.93 -20.01 26.46
C ASP A 358 -8.13 -20.43 25.23
N THR A 359 -8.62 -21.46 24.54
CA THR A 359 -7.93 -22.03 23.38
C THR A 359 -8.82 -22.11 22.15
N GLY A 360 -8.20 -22.08 20.97
CA GLY A 360 -8.87 -22.32 19.72
C GLY A 360 -9.92 -21.30 19.29
N TYR A 361 -9.71 -20.03 19.63
CA TYR A 361 -10.70 -19.01 19.30
C TYR A 361 -10.17 -17.96 18.32
N CYS A 362 -8.85 -17.93 18.10
CA CYS A 362 -8.23 -16.92 17.25
C CYS A 362 -7.61 -17.55 16.00
N ALA A 363 -7.95 -17.02 14.84
CA ALA A 363 -7.39 -17.51 13.59
C ALA A 363 -5.98 -16.96 13.40
N ILE A 364 -5.12 -17.75 12.76
CA ILE A 364 -3.77 -17.29 12.46
C ILE A 364 -3.42 -17.68 11.04
N GLY A 365 -2.60 -16.85 10.39
CA GLY A 365 -2.13 -17.12 9.04
C GLY A 365 -0.95 -16.26 8.65
N SER A 366 -0.42 -16.48 7.46
CA SER A 366 0.65 -15.63 6.92
C SER A 366 0.57 -15.56 5.41
N VAL A 367 0.57 -14.34 4.88
CA VAL A 367 0.52 -14.12 3.45
C VAL A 367 1.82 -14.61 2.79
N LYS A 368 2.87 -14.79 3.59
CA LYS A 368 4.12 -15.33 3.05
C LYS A 368 3.90 -16.69 2.40
N SER A 369 2.89 -17.42 2.86
CA SER A 369 2.54 -18.69 2.25
C SER A 369 2.01 -18.50 0.84
N ASN A 370 1.53 -17.28 0.54
CA ASN A 370 1.01 -16.95 -0.79
C ASN A 370 2.07 -16.33 -1.71
N ILE A 371 2.75 -15.30 -1.22
CA ILE A 371 3.57 -14.45 -2.08
C ILE A 371 5.05 -14.51 -1.72
N GLY A 372 5.42 -15.27 -0.70
CA GLY A 372 6.80 -15.34 -0.27
C GLY A 372 7.16 -14.29 0.78
N HIS A 373 8.44 -14.27 1.13
CA HIS A 373 8.94 -13.41 2.20
C HIS A 373 9.40 -12.06 1.63
N LEU A 374 8.58 -11.03 1.81
CA LEU A 374 8.84 -9.72 1.19
C LEU A 374 9.83 -8.87 1.96
N GLU A 375 10.40 -9.45 3.02
CA GLU A 375 11.43 -8.78 3.81
C GLU A 375 10.97 -7.37 4.22
N ALA A 376 11.60 -6.33 3.70
CA ALA A 376 11.25 -4.98 4.11
C ALA A 376 9.76 -4.69 3.91
N ALA A 377 9.16 -5.27 2.87
CA ALA A 377 7.76 -5.01 2.55
C ALA A 377 6.81 -6.08 3.09
N ALA A 378 7.31 -6.99 3.92
CA ALA A 378 6.48 -8.06 4.46
C ALA A 378 5.38 -7.49 5.36
N GLY A 379 5.74 -6.56 6.22
CA GLY A 379 4.77 -5.92 7.10
C GLY A 379 3.61 -5.27 6.37
N ILE A 380 3.92 -4.42 5.38
CA ILE A 380 2.88 -3.66 4.72
C ILE A 380 1.98 -4.60 3.92
N ALA A 381 2.57 -5.65 3.37
CA ALA A 381 1.79 -6.66 2.67
C ALA A 381 0.81 -7.34 3.62
N GLY A 382 1.26 -7.62 4.84
CA GLY A 382 0.41 -8.24 5.85
C GLY A 382 -0.69 -7.32 6.31
N VAL A 383 -0.35 -6.04 6.47
CA VAL A 383 -1.33 -5.03 6.84
C VAL A 383 -2.41 -4.93 5.76
N ALA A 384 -1.98 -4.94 4.50
CA ALA A 384 -2.94 -4.85 3.39
C ALA A 384 -3.91 -6.01 3.45
N LYS A 385 -3.39 -7.21 3.74
CA LYS A 385 -4.22 -8.40 3.87
C LYS A 385 -5.26 -8.22 4.98
N ILE A 386 -4.80 -7.76 6.14
CA ILE A 386 -5.70 -7.59 7.28
C ILE A 386 -6.83 -6.61 6.92
N LEU A 387 -6.48 -5.50 6.28
CA LEU A 387 -7.47 -4.48 5.97
C LEU A 387 -8.50 -4.98 4.95
N LEU A 388 -8.03 -5.73 3.96
CA LEU A 388 -8.93 -6.32 2.98
C LEU A 388 -9.82 -7.38 3.63
N GLN A 389 -9.26 -8.14 4.57
CA GLN A 389 -10.06 -9.11 5.31
C GLN A 389 -11.15 -8.39 6.09
N MET A 390 -10.81 -7.23 6.63
CA MET A 390 -11.76 -6.43 7.39
C MET A 390 -12.84 -5.85 6.48
N LYS A 391 -12.42 -5.33 5.33
CA LYS A 391 -13.34 -4.74 4.38
C LYS A 391 -14.39 -5.76 3.96
N HIS A 392 -13.94 -6.94 3.57
CA HIS A 392 -14.86 -7.96 3.06
C HIS A 392 -15.35 -8.90 4.16
N GLN A 393 -14.87 -8.67 5.39
CA GLN A 393 -15.31 -9.44 6.54
C GLN A 393 -15.16 -10.94 6.31
N GLN A 394 -14.01 -11.32 5.78
CA GLN A 394 -13.68 -12.72 5.53
C GLN A 394 -12.24 -13.01 5.95
N LEU A 395 -12.01 -14.24 6.41
CA LEU A 395 -10.66 -14.72 6.65
C LEU A 395 -10.24 -15.65 5.51
N VAL A 396 -9.07 -15.38 4.93
CA VAL A 396 -8.62 -16.15 3.76
C VAL A 396 -7.74 -17.31 4.20
N PRO A 397 -7.53 -18.28 3.29
CA PRO A 397 -6.65 -19.41 3.63
C PRO A 397 -5.21 -19.00 3.88
N SER A 398 -4.51 -19.84 4.64
CA SER A 398 -3.06 -19.77 4.75
C SER A 398 -2.54 -21.09 4.17
N LEU A 399 -1.56 -21.00 3.28
CA LEU A 399 -1.22 -22.15 2.45
C LEU A 399 -0.13 -23.04 3.06
N HIS A 400 -0.03 -24.25 2.52
CA HIS A 400 1.06 -25.16 2.82
C HIS A 400 1.08 -25.59 4.28
N ALA A 401 -0.10 -25.67 4.90
CA ALA A 401 -0.19 -26.09 6.29
C ALA A 401 -1.40 -26.99 6.54
N LYS A 402 -1.81 -27.75 5.53
CA LYS A 402 -2.87 -28.74 5.70
C LYS A 402 -2.45 -29.69 6.81
N GLU A 403 -1.21 -30.15 6.73
CA GLU A 403 -0.58 -30.83 7.86
C GLU A 403 0.23 -29.80 8.64
N LEU A 404 -0.09 -29.67 9.93
CA LEU A 404 0.55 -28.67 10.77
C LEU A 404 1.93 -29.10 11.23
N ASN A 405 2.77 -28.12 11.57
CA ASN A 405 4.05 -28.40 12.20
C ASN A 405 3.79 -29.22 13.47
N PRO A 406 4.24 -30.49 13.49
CA PRO A 406 3.90 -31.37 14.63
C PRO A 406 4.56 -30.95 15.95
N ASN A 407 5.53 -30.06 15.90
CA ASN A 407 6.22 -29.60 17.10
C ASN A 407 5.45 -28.48 17.82
N ILE A 408 4.39 -27.99 17.18
CA ILE A 408 3.60 -26.91 17.74
C ILE A 408 2.27 -27.45 18.26
N PRO A 409 2.02 -27.35 19.58
CA PRO A 409 0.77 -27.88 20.13
C PRO A 409 -0.36 -26.86 20.06
N PHE A 410 -0.88 -26.62 18.86
CA PHE A 410 -1.87 -25.57 18.63
C PHE A 410 -3.12 -25.70 19.50
N SER A 411 -3.54 -26.94 19.73
CA SER A 411 -4.76 -27.19 20.49
C SER A 411 -4.65 -26.67 21.92
N LYS A 412 -3.43 -26.41 22.37
CA LYS A 412 -3.21 -25.88 23.71
C LYS A 412 -3.00 -24.36 23.68
N THR A 413 -3.26 -23.76 22.52
CA THR A 413 -3.08 -22.34 22.34
C THR A 413 -4.37 -21.69 21.85
N PRO A 414 -4.41 -20.34 21.82
CA PRO A 414 -5.55 -19.62 21.24
C PRO A 414 -5.76 -19.88 19.75
N PHE A 415 -4.75 -20.40 19.06
CA PHE A 415 -4.66 -20.24 17.62
C PHE A 415 -4.98 -21.50 16.80
N VAL A 416 -5.64 -21.25 15.67
CA VAL A 416 -5.93 -22.26 14.67
C VAL A 416 -5.58 -21.70 13.30
N VAL A 417 -4.65 -22.36 12.60
CA VAL A 417 -4.27 -21.93 11.27
C VAL A 417 -5.49 -21.95 10.35
N GLN A 418 -5.77 -20.81 9.72
CA GLN A 418 -6.90 -20.69 8.81
C GLN A 418 -6.66 -21.50 7.54
N GLN A 419 -7.48 -22.53 7.32
CA GLN A 419 -7.27 -23.43 6.20
C GLN A 419 -8.14 -23.05 5.01
N ASP A 420 -9.31 -22.47 5.28
CA ASP A 420 -10.25 -22.15 4.20
C ASP A 420 -10.78 -20.73 4.30
N LEU A 421 -11.36 -20.26 3.19
CA LEU A 421 -12.08 -18.99 3.16
C LEU A 421 -13.36 -19.10 3.98
N VAL A 422 -13.52 -18.21 4.95
CA VAL A 422 -14.69 -18.24 5.83
C VAL A 422 -15.10 -16.83 6.21
N GLU A 423 -16.36 -16.70 6.59
CA GLU A 423 -16.86 -15.47 7.19
C GLU A 423 -16.00 -15.12 8.41
N TRP A 424 -15.63 -13.85 8.52
CA TRP A 424 -14.93 -13.37 9.71
C TRP A 424 -15.95 -12.84 10.71
N LYS A 425 -16.20 -13.62 11.76
CA LYS A 425 -17.23 -13.29 12.74
C LYS A 425 -16.69 -12.43 13.87
N ARG A 426 -17.48 -11.44 14.27
CA ARG A 426 -17.18 -10.66 15.46
C ARG A 426 -17.24 -11.58 16.67
N PRO A 427 -16.19 -11.56 17.52
CA PRO A 427 -16.19 -12.49 18.65
C PRO A 427 -17.11 -12.07 19.79
N LEU A 428 -17.42 -13.01 20.68
CA LEU A 428 -18.24 -12.70 21.86
C LEU A 428 -17.47 -13.01 23.14
N MET A 429 -17.31 -11.98 23.97
CA MET A 429 -16.70 -12.16 25.28
C MET A 429 -17.63 -11.66 26.37
N GLU A 430 -17.51 -12.26 27.56
CA GLU A 430 -18.32 -11.91 28.70
C GLU A 430 -17.68 -10.74 29.46
N VAL A 431 -18.30 -9.57 29.41
CA VAL A 431 -17.75 -8.40 30.12
C VAL A 431 -17.87 -8.64 31.63
N ASN A 432 -19.06 -9.04 32.08
CA ASN A 432 -19.29 -9.41 33.47
C ASN A 432 -20.64 -10.10 33.56
N GLY A 433 -20.69 -11.33 33.05
CA GLY A 433 -21.92 -12.10 33.02
C GLY A 433 -22.82 -11.75 31.86
N VAL A 434 -22.45 -10.72 31.12
CA VAL A 434 -23.23 -10.30 29.96
C VAL A 434 -22.44 -10.58 28.70
N LEU A 435 -23.09 -11.24 27.74
CA LEU A 435 -22.47 -11.41 26.43
C LEU A 435 -22.33 -10.05 25.77
N ARG A 436 -21.21 -9.87 25.09
CA ARG A 436 -20.95 -8.62 24.38
C ARG A 436 -20.19 -8.89 23.10
N GLU A 437 -20.67 -8.30 22.01
CA GLU A 437 -20.01 -8.44 20.73
C GLU A 437 -18.85 -7.45 20.66
N PHE A 438 -17.72 -7.91 20.14
CA PHE A 438 -16.55 -7.05 19.97
C PHE A 438 -16.25 -6.86 18.50
N PRO A 439 -15.60 -5.74 18.15
CA PRO A 439 -15.28 -5.53 16.74
C PRO A 439 -14.15 -6.45 16.28
N ARG A 440 -13.95 -6.53 14.97
CA ARG A 440 -12.86 -7.33 14.42
C ARG A 440 -11.54 -6.68 14.74
N ILE A 441 -10.71 -7.40 15.51
CA ILE A 441 -9.40 -6.92 15.91
C ILE A 441 -8.35 -7.93 15.48
N ALA A 442 -7.31 -7.45 14.80
CA ALA A 442 -6.22 -8.31 14.40
C ALA A 442 -4.88 -7.76 14.89
N GLY A 443 -3.93 -8.66 15.08
CA GLY A 443 -2.56 -8.28 15.34
C GLY A 443 -1.67 -8.74 14.19
N ILE A 444 -0.56 -8.04 13.99
CA ILE A 444 0.41 -8.45 12.99
C ILE A 444 1.80 -8.31 13.57
N SER A 445 2.62 -9.34 13.35
CA SER A 445 4.01 -9.34 13.79
C SER A 445 4.95 -9.33 12.61
N SER A 446 6.09 -8.65 12.78
CA SER A 446 7.15 -8.70 11.80
C SER A 446 8.46 -8.71 12.56
N PHE A 447 9.29 -9.72 12.29
CA PHE A 447 10.54 -9.92 13.00
C PHE A 447 11.74 -9.82 12.07
N GLY A 448 12.64 -8.88 12.35
CA GLY A 448 13.86 -8.75 11.57
C GLY A 448 14.86 -9.83 11.95
N ALA A 449 15.58 -10.36 10.96
CA ALA A 449 16.56 -11.42 11.22
C ALA A 449 17.62 -10.95 12.21
N GLY A 450 17.91 -9.65 12.18
CA GLY A 450 18.89 -9.07 13.09
C GLY A 450 18.35 -8.86 14.50
N GLY A 451 17.06 -9.14 14.69
CA GLY A 451 16.47 -9.08 16.02
C GLY A 451 15.55 -7.90 16.29
N SER A 452 15.38 -7.01 15.32
CA SER A 452 14.47 -5.87 15.47
C SER A 452 13.04 -6.31 15.21
N ASN A 453 12.19 -6.19 16.23
CA ASN A 453 10.83 -6.69 16.18
C ASN A 453 9.80 -5.57 16.16
N ALA A 454 8.63 -5.86 15.59
CA ALA A 454 7.52 -4.93 15.57
C ALA A 454 6.20 -5.67 15.63
N HIS A 455 5.22 -5.07 16.29
CA HIS A 455 3.86 -5.61 16.31
C HIS A 455 2.84 -4.48 16.23
N VAL A 456 1.75 -4.71 15.53
CA VAL A 456 0.71 -3.71 15.34
C VAL A 456 -0.67 -4.31 15.57
N VAL A 457 -1.50 -3.61 16.34
CA VAL A 457 -2.87 -4.06 16.60
C VAL A 457 -3.83 -3.19 15.79
N ILE A 458 -4.67 -3.84 15.00
CA ILE A 458 -5.58 -3.13 14.09
C ILE A 458 -7.01 -3.52 14.37
N GLU A 459 -7.90 -2.52 14.33
CA GLU A 459 -9.33 -2.72 14.52
C GLU A 459 -10.12 -2.21 13.31
N GLU A 460 -11.17 -2.94 12.94
CA GLU A 460 -12.03 -2.52 11.85
C GLU A 460 -12.68 -1.20 12.20
N TYR A 461 -13.05 -0.41 11.19
CA TYR A 461 -13.76 0.83 11.43
C TYR A 461 -15.26 0.65 11.27
N ILE A 462 -16.00 0.93 12.33
CA ILE A 462 -17.46 0.84 12.34
C ILE A 462 -18.04 2.24 12.36
N PRO A 463 -18.56 2.72 11.20
CA PRO A 463 -19.14 4.06 11.20
C PRO A 463 -20.37 4.18 12.09
N VAL A 473 -29.25 13.78 -7.06
CA VAL A 473 -28.84 14.00 -8.45
C VAL A 473 -30.05 13.98 -9.35
N SER A 474 -30.06 14.89 -10.33
CA SER A 474 -31.15 14.98 -11.29
C SER A 474 -30.73 15.96 -12.38
N PRO A 475 -31.54 16.07 -13.45
CA PRO A 475 -31.24 17.13 -14.42
C PRO A 475 -31.37 18.49 -13.77
N GLN A 476 -32.14 18.56 -12.69
CA GLN A 476 -32.32 19.79 -11.94
C GLN A 476 -31.08 20.07 -11.10
N ASN A 477 -30.45 19.01 -10.62
CA ASN A 477 -29.20 19.12 -9.85
C ASN A 477 -28.20 18.05 -10.28
N PRO A 478 -27.49 18.29 -11.40
CA PRO A 478 -26.60 17.28 -11.97
C PRO A 478 -25.25 17.20 -11.28
N ALA A 479 -24.53 16.11 -11.50
CA ALA A 479 -23.18 15.96 -10.97
C ALA A 479 -22.16 16.41 -12.00
N ILE A 480 -21.04 16.95 -11.53
CA ILE A 480 -19.96 17.37 -12.41
C ILE A 480 -18.83 16.36 -12.31
N ILE A 481 -18.70 15.53 -13.35
CA ILE A 481 -17.64 14.53 -13.41
C ILE A 481 -16.45 15.11 -14.18
N VAL A 482 -15.29 15.11 -13.54
CA VAL A 482 -14.07 15.60 -14.18
C VAL A 482 -12.96 14.56 -14.11
N LEU A 483 -12.19 14.47 -15.19
CA LEU A 483 -11.01 13.63 -15.25
C LEU A 483 -9.90 14.40 -15.96
N SER A 484 -8.65 14.15 -15.58
CA SER A 484 -7.53 14.80 -16.27
C SER A 484 -6.26 13.98 -16.15
N ALA A 485 -5.42 14.06 -17.18
CA ALA A 485 -4.15 13.35 -17.18
C ALA A 485 -3.12 14.16 -17.94
N LYS A 486 -1.89 13.67 -17.99
CA LYS A 486 -0.82 14.41 -18.67
C LYS A 486 -1.02 14.47 -20.18
N ASN A 487 -1.73 13.48 -20.72
CA ASN A 487 -1.96 13.44 -22.16
C ASN A 487 -3.18 12.58 -22.51
N LYS A 488 -3.49 12.50 -23.79
CA LYS A 488 -4.69 11.79 -24.26
C LYS A 488 -4.67 10.31 -23.97
N GLU A 489 -3.52 9.68 -24.16
CA GLU A 489 -3.39 8.24 -23.93
C GLU A 489 -3.70 7.91 -22.48
N ARG A 490 -3.10 8.67 -21.57
CA ARG A 490 -3.29 8.46 -20.13
C ARG A 490 -4.75 8.73 -19.75
N LEU A 491 -5.34 9.77 -20.36
CA LEU A 491 -6.72 10.12 -20.09
C LEU A 491 -7.65 8.98 -20.47
N ILE A 492 -7.43 8.42 -21.65
CA ILE A 492 -8.23 7.30 -22.13
C ILE A 492 -8.15 6.14 -21.13
N GLU A 493 -6.95 5.88 -20.63
CA GLU A 493 -6.78 4.80 -19.67
C GLU A 493 -7.54 5.12 -18.38
N GLN A 494 -7.51 6.37 -17.97
CA GLN A 494 -8.27 6.82 -16.81
C GLN A 494 -9.76 6.51 -16.94
N VAL A 495 -10.31 6.78 -18.12
CA VAL A 495 -11.71 6.55 -18.38
C VAL A 495 -12.02 5.05 -18.31
N GLN A 496 -11.18 4.26 -18.96
CA GLN A 496 -11.34 2.80 -18.93
C GLN A 496 -11.35 2.30 -17.51
N ARG A 497 -10.39 2.74 -16.72
CA ARG A 497 -10.23 2.27 -15.34
C ARG A 497 -11.37 2.74 -14.45
N LEU A 498 -11.90 3.93 -14.71
CA LEU A 498 -13.05 4.41 -13.94
C LEU A 498 -14.27 3.54 -14.23
N LEU A 499 -14.49 3.26 -15.52
CA LEU A 499 -15.61 2.41 -15.91
C LEU A 499 -15.52 1.04 -15.26
N ALA A 500 -14.31 0.49 -15.21
CA ALA A 500 -14.10 -0.83 -14.62
C ALA A 500 -14.38 -0.78 -13.12
N SER A 501 -13.99 0.31 -12.48
CA SER A 501 -14.18 0.46 -11.04
C SER A 501 -15.65 0.58 -10.69
N ILE A 502 -16.41 1.31 -11.51
CA ILE A 502 -17.83 1.49 -11.28
C ILE A 502 -18.52 0.13 -11.25
N GLU A 503 -18.13 -0.74 -12.16
CA GLU A 503 -18.69 -2.08 -12.24
C GLU A 503 -18.19 -2.95 -11.08
N LYS A 504 -16.89 -2.85 -10.80
CA LYS A 504 -16.27 -3.70 -9.77
C LYS A 504 -16.78 -3.37 -8.37
N GLN A 505 -16.97 -2.08 -8.09
CA GLN A 505 -17.41 -1.66 -6.76
C GLN A 505 -18.94 -1.64 -6.64
N SER A 506 -19.62 -2.03 -7.70
CA SER A 506 -21.08 -2.13 -7.70
C SER A 506 -21.75 -0.82 -7.27
N PHE A 507 -21.27 0.30 -7.79
CA PHE A 507 -21.84 1.60 -7.46
C PHE A 507 -23.27 1.75 -7.98
N THR A 508 -24.02 2.62 -7.32
CA THR A 508 -25.35 3.01 -7.80
C THR A 508 -25.44 4.54 -7.84
N ASP A 509 -26.62 5.06 -8.17
CA ASP A 509 -26.80 6.50 -8.26
C ASP A 509 -26.52 7.19 -6.93
N VAL A 510 -26.66 6.46 -5.84
CA VAL A 510 -26.40 7.00 -4.52
C VAL A 510 -24.93 7.36 -4.36
N ASP A 511 -24.06 6.67 -5.09
CA ASP A 511 -22.62 6.88 -4.97
C ASP A 511 -22.11 7.97 -5.91
N LEU A 512 -22.99 8.45 -6.79
CA LEU A 512 -22.59 9.38 -7.84
C LEU A 512 -21.95 10.65 -7.27
N VAL A 513 -22.59 11.24 -6.27
CA VAL A 513 -22.10 12.50 -5.72
C VAL A 513 -20.73 12.33 -5.09
N ASP A 514 -20.48 11.15 -4.52
CA ASP A 514 -19.18 10.84 -3.92
C ASP A 514 -18.11 10.71 -4.99
N ILE A 515 -18.47 10.04 -6.08
CA ILE A 515 -17.56 9.88 -7.20
C ILE A 515 -17.18 11.26 -7.72
N ALA A 516 -18.19 12.10 -7.95
CA ALA A 516 -17.97 13.44 -8.46
C ALA A 516 -17.05 14.23 -7.53
N TYR A 517 -17.40 14.27 -6.26
CA TYR A 517 -16.64 15.02 -5.28
C TYR A 517 -15.20 14.54 -5.19
N THR A 518 -15.00 13.22 -5.14
CA THR A 518 -13.65 12.66 -5.07
C THR A 518 -12.81 13.09 -6.28
N LEU A 519 -13.41 13.04 -7.46
CA LEU A 519 -12.69 13.41 -8.68
C LEU A 519 -12.48 14.92 -8.75
N GLN A 520 -13.33 15.67 -8.05
CA GLN A 520 -13.21 17.12 -8.01
C GLN A 520 -12.08 17.57 -7.08
N VAL A 521 -12.15 17.19 -5.81
CA VAL A 521 -11.20 17.71 -4.83
C VAL A 521 -10.08 16.73 -4.54
N GLY A 522 -10.26 15.47 -4.89
CA GLY A 522 -9.29 14.44 -4.59
C GLY A 522 -8.36 14.13 -5.74
N ARG A 523 -8.44 14.92 -6.81
CA ARG A 523 -7.56 14.74 -7.96
C ARG A 523 -6.98 16.06 -8.41
N GLU A 524 -5.68 16.04 -8.72
CA GLU A 524 -5.00 17.21 -9.23
C GLU A 524 -5.41 17.44 -10.67
N ALA A 525 -5.80 18.67 -11.00
CA ALA A 525 -6.20 19.00 -12.37
C ALA A 525 -4.95 19.05 -13.25
N MET A 526 -4.92 18.20 -14.28
CA MET A 526 -3.76 18.10 -15.14
C MET A 526 -4.03 18.67 -16.54
N GLU A 527 -3.05 18.51 -17.43
N GLU A 527 -3.05 18.52 -17.43
CA GLU A 527 -3.07 19.18 -18.74
CA GLU A 527 -3.08 19.18 -18.74
C GLU A 527 -4.23 18.73 -19.63
C GLU A 527 -4.25 18.74 -19.60
N GLU A 528 -4.38 17.42 -19.81
CA GLU A 528 -5.41 16.89 -20.70
C GLU A 528 -6.71 16.66 -19.92
N ARG A 529 -7.75 17.42 -20.25
CA ARG A 529 -8.94 17.46 -19.40
C ARG A 529 -10.24 16.98 -20.06
N LEU A 530 -11.11 16.42 -19.22
CA LEU A 530 -12.42 15.94 -19.65
C LEU A 530 -13.44 16.26 -18.55
N ALA A 531 -14.61 16.74 -18.94
CA ALA A 531 -15.65 17.08 -17.97
C ALA A 531 -17.04 16.71 -18.51
N LEU A 532 -17.90 16.25 -17.60
CA LEU A 532 -19.25 15.83 -17.95
C LEU A 532 -20.26 16.37 -16.95
N MET A 533 -21.46 16.66 -17.46
CA MET A 533 -22.62 16.98 -16.64
C MET A 533 -23.57 15.79 -16.74
N VAL A 534 -23.81 15.10 -15.64
CA VAL A 534 -24.62 13.87 -15.66
C VAL A 534 -25.70 13.90 -14.57
N SER A 535 -26.81 13.23 -14.86
CA SER A 535 -27.93 13.15 -13.92
C SER A 535 -28.00 11.79 -13.24
N SER A 536 -27.36 10.78 -13.82
CA SER A 536 -27.42 9.43 -13.29
C SER A 536 -26.11 8.68 -13.54
N LEU A 537 -25.90 7.60 -12.80
CA LEU A 537 -24.72 6.77 -13.00
C LEU A 537 -24.76 6.14 -14.39
N SER A 538 -25.92 5.64 -14.77
CA SER A 538 -26.11 5.04 -16.09
C SER A 538 -25.74 6.04 -17.18
N GLU A 539 -26.08 7.31 -16.95
CA GLU A 539 -25.75 8.37 -17.88
C GLU A 539 -24.23 8.51 -17.98
N LEU A 540 -23.56 8.46 -16.83
CA LEU A 540 -22.11 8.57 -16.77
C LEU A 540 -21.46 7.45 -17.57
N VAL A 541 -21.94 6.22 -17.35
CA VAL A 541 -21.37 5.06 -18.04
C VAL A 541 -21.50 5.25 -19.54
N GLU A 542 -22.68 5.65 -19.97
CA GLU A 542 -23.00 5.75 -21.39
C GLU A 542 -22.11 6.76 -22.09
N LYS A 543 -21.93 7.93 -21.50
CA LYS A 543 -21.15 9.00 -22.11
C LYS A 543 -19.66 8.63 -22.16
N LEU A 544 -19.18 7.96 -21.12
CA LEU A 544 -17.78 7.54 -21.10
C LEU A 544 -17.52 6.48 -22.16
N GLN A 545 -18.50 5.60 -22.37
CA GLN A 545 -18.39 4.57 -23.38
C GLN A 545 -18.42 5.18 -24.79
N SER A 546 -19.23 6.23 -24.96
CA SER A 546 -19.29 6.94 -26.22
C SER A 546 -17.97 7.66 -26.48
N PHE A 547 -17.40 8.22 -25.41
CA PHE A 547 -16.12 8.89 -25.51
C PHE A 547 -15.06 7.93 -26.03
N LEU A 548 -15.03 6.74 -25.44
CA LEU A 548 -14.06 5.71 -25.81
C LEU A 548 -14.28 5.20 -27.24
N ALA A 549 -15.53 5.26 -27.69
CA ALA A 549 -15.90 4.76 -29.02
C ALA A 549 -15.51 5.73 -30.11
N GLY A 550 -15.16 6.95 -29.72
CA GLY A 550 -14.78 7.98 -30.67
C GLY A 550 -15.93 8.91 -31.02
N ASP A 551 -17.10 8.65 -30.44
CA ASP A 551 -18.26 9.50 -30.70
C ASP A 551 -17.93 10.92 -30.31
N ASP A 552 -18.47 11.86 -31.09
CA ASP A 552 -18.27 13.27 -30.81
C ASP A 552 -19.63 13.93 -30.68
N SER A 553 -19.64 15.20 -30.31
CA SER A 553 -20.88 15.95 -30.13
C SER A 553 -21.68 15.34 -28.98
N ILE A 554 -20.99 14.60 -28.11
CA ILE A 554 -21.63 14.00 -26.95
C ILE A 554 -22.21 15.12 -26.11
N ALA A 555 -23.47 14.98 -25.76
CA ALA A 555 -24.18 16.03 -25.04
C ALA A 555 -23.55 16.25 -23.67
N ASP A 556 -23.31 17.52 -23.36
CA ASP A 556 -22.84 17.91 -22.03
C ASP A 556 -21.49 17.28 -21.68
N LEU A 557 -20.66 17.04 -22.69
CA LEU A 557 -19.31 16.54 -22.47
C LEU A 557 -18.31 17.51 -23.09
N TYR A 558 -17.22 17.77 -22.37
CA TYR A 558 -16.25 18.78 -22.80
C TYR A 558 -14.82 18.25 -22.75
N ARG A 559 -14.07 18.53 -23.81
N ARG A 559 -14.07 18.56 -23.81
CA ARG A 559 -12.67 18.12 -23.89
CA ARG A 559 -12.68 18.15 -23.93
C ARG A 559 -11.79 19.31 -24.23
C ARG A 559 -11.81 19.37 -24.17
N GLY A 560 -10.58 19.33 -23.66
CA GLY A 560 -9.65 20.41 -23.90
C GLY A 560 -8.31 20.22 -23.21
N GLN A 561 -7.34 21.01 -23.64
CA GLN A 561 -6.04 21.05 -22.99
C GLN A 561 -5.90 22.37 -22.25
N ALA A 562 -5.20 22.34 -21.12
CA ALA A 562 -5.05 23.53 -20.29
C ALA A 562 -4.10 24.55 -20.92
N LYS A 563 -3.41 24.14 -21.99
CA LYS A 563 -2.50 25.03 -22.70
C LYS A 563 -3.27 25.96 -23.64
N ARG A 564 -4.49 25.57 -23.98
CA ARG A 564 -5.30 26.29 -24.96
C ARG A 564 -5.58 27.73 -24.51
N SER A 565 -5.99 27.90 -23.26
CA SER A 565 -6.38 29.20 -22.74
C SER A 565 -5.52 29.60 -21.57
N ARG A 566 -4.23 29.27 -21.63
CA ARG A 566 -3.38 29.44 -20.46
C ARG A 566 -3.22 30.91 -20.08
N GLU A 567 -2.91 31.76 -21.05
CA GLU A 567 -2.72 33.19 -20.77
C GLU A 567 -3.98 33.76 -20.11
N THR A 568 -5.15 33.44 -20.67
CA THR A 568 -6.41 33.93 -20.10
C THR A 568 -6.70 33.29 -18.75
N ALA A 569 -6.40 32.00 -18.62
CA ALA A 569 -6.62 31.30 -17.36
C ALA A 569 -5.83 31.97 -16.24
N ASP A 570 -4.58 32.32 -16.52
CA ASP A 570 -3.73 32.97 -15.54
C ASP A 570 -4.31 34.32 -15.11
N ILE A 571 -4.85 35.06 -16.07
CA ILE A 571 -5.48 36.34 -15.79
C ILE A 571 -6.69 36.14 -14.89
N PHE A 572 -7.48 35.12 -15.19
CA PHE A 572 -8.65 34.80 -14.38
C PHE A 572 -8.27 34.51 -12.93
N ALA A 573 -7.23 33.71 -12.76
CA ALA A 573 -6.81 33.25 -11.43
C ALA A 573 -6.43 34.41 -10.52
N GLY A 574 -5.63 35.33 -11.05
CA GLY A 574 -5.12 36.43 -10.27
C GLY A 574 -6.15 37.52 -9.98
N ASP A 575 -7.26 37.49 -10.69
CA ASP A 575 -8.19 38.61 -10.68
C ASP A 575 -9.41 38.40 -9.80
N GLU A 576 -9.62 39.34 -8.88
CA GLU A 576 -10.75 39.31 -7.95
C GLU A 576 -12.09 39.32 -8.67
N GLU A 577 -12.27 40.27 -9.60
CA GLU A 577 -13.56 40.43 -10.27
C GLU A 577 -13.93 39.20 -11.09
N LEU A 578 -12.95 38.61 -11.76
CA LEU A 578 -13.20 37.45 -12.62
C LEU A 578 -13.52 36.21 -11.80
N GLN A 579 -12.92 36.08 -10.62
CA GLN A 579 -13.21 34.93 -9.76
C GLN A 579 -14.64 35.00 -9.23
N GLU A 580 -15.09 36.20 -8.87
CA GLU A 580 -16.46 36.39 -8.42
C GLU A 580 -17.44 35.93 -9.48
N ALA A 581 -17.16 36.28 -10.74
CA ALA A 581 -18.01 35.89 -11.86
C ALA A 581 -18.08 34.36 -11.98
N ILE A 582 -16.93 33.70 -11.81
CA ILE A 582 -16.88 32.25 -11.89
C ILE A 582 -17.73 31.66 -10.77
N GLU A 583 -17.64 32.26 -9.59
CA GLU A 583 -18.39 31.78 -8.43
C GLU A 583 -19.89 31.88 -8.70
N LYS A 584 -20.30 32.97 -9.36
CA LYS A 584 -21.69 33.16 -9.71
C LYS A 584 -22.13 32.13 -10.75
N TRP A 585 -21.26 31.85 -11.72
CA TRP A 585 -21.52 30.78 -12.68
C TRP A 585 -21.85 29.49 -11.94
N MET A 586 -21.05 29.19 -10.92
CA MET A 586 -21.25 27.96 -10.13
C MET A 586 -22.56 28.02 -9.36
N GLN A 587 -22.86 29.17 -8.75
CA GLN A 587 -24.07 29.34 -7.98
C GLN A 587 -25.32 29.23 -8.86
N ARG A 588 -25.20 29.65 -10.11
CA ARG A 588 -26.35 29.69 -11.02
C ARG A 588 -26.35 28.53 -12.01
N LYS A 589 -25.51 27.53 -11.75
CA LYS A 589 -25.49 26.31 -12.56
C LYS A 589 -25.24 26.54 -14.04
N LYS A 590 -24.43 27.54 -14.35
CA LYS A 590 -24.01 27.76 -15.73
C LYS A 590 -22.83 26.83 -16.04
N PHE A 591 -23.11 25.53 -16.00
CA PHE A 591 -22.09 24.50 -16.14
C PHE A 591 -21.51 24.44 -17.55
N ALA A 592 -22.32 24.75 -18.55
CA ALA A 592 -21.86 24.71 -19.94
C ALA A 592 -20.66 25.62 -20.13
N LYS A 593 -20.81 26.88 -19.72
CA LYS A 593 -19.72 27.84 -19.78
C LYS A 593 -18.59 27.45 -18.83
N LEU A 594 -18.97 27.01 -17.64
CA LEU A 594 -18.00 26.68 -16.59
C LEU A 594 -17.10 25.51 -17.01
N LEU A 595 -17.71 24.43 -17.50
CA LEU A 595 -16.96 23.24 -17.86
C LEU A 595 -16.14 23.47 -19.13
N ASP A 596 -16.65 24.29 -20.03
CA ASP A 596 -15.93 24.64 -21.25
C ASP A 596 -14.62 25.36 -20.89
N PHE A 597 -14.70 26.28 -19.94
CA PHE A 597 -13.52 27.00 -19.47
C PHE A 597 -12.56 26.10 -18.70
N TRP A 598 -13.09 25.20 -17.88
CA TRP A 598 -12.23 24.34 -17.06
C TRP A 598 -11.34 23.46 -17.93
N VAL A 599 -11.92 22.79 -18.91
CA VAL A 599 -11.15 21.92 -19.79
C VAL A 599 -10.12 22.72 -20.58
N LYS A 600 -10.35 24.03 -20.71
CA LYS A 600 -9.43 24.90 -21.44
C LYS A 600 -8.33 25.46 -20.54
N GLY A 601 -8.34 25.07 -19.26
CA GLY A 601 -7.25 25.38 -18.36
C GLY A 601 -7.62 26.24 -17.18
N LEU A 602 -8.87 26.68 -17.12
CA LEU A 602 -9.33 27.47 -15.99
C LEU A 602 -9.44 26.59 -14.75
N ASN A 603 -8.78 26.99 -13.67
CA ASN A 603 -8.80 26.21 -12.45
C ASN A 603 -9.88 26.70 -11.50
N MET A 604 -10.54 25.76 -10.84
CA MET A 604 -11.66 26.05 -9.97
C MET A 604 -11.51 25.41 -8.61
N ASP A 605 -12.20 25.99 -7.64
CA ASP A 605 -12.38 25.37 -6.33
C ASP A 605 -13.75 24.72 -6.31
N TRP A 606 -13.78 23.41 -6.51
CA TRP A 606 -15.03 22.68 -6.67
C TRP A 606 -15.86 22.63 -5.38
N ASN A 607 -15.24 23.00 -4.26
CA ASN A 607 -15.97 23.11 -2.99
C ASN A 607 -17.07 24.16 -3.08
N LYS A 608 -16.89 25.13 -3.96
CA LYS A 608 -17.86 26.20 -4.14
C LYS A 608 -19.21 25.67 -4.65
N LEU A 609 -19.20 24.44 -5.15
CA LEU A 609 -20.44 23.80 -5.61
C LEU A 609 -21.35 23.43 -4.45
N TYR A 610 -20.77 23.32 -3.26
CA TYR A 610 -21.47 22.74 -2.13
C TYR A 610 -21.73 23.77 -1.02
N ASP A 611 -23.00 23.95 -0.69
CA ASP A 611 -23.40 24.95 0.30
C ASP A 611 -23.15 24.46 1.73
N ASP A 612 -23.71 23.31 2.07
CA ASP A 612 -23.67 22.79 3.44
C ASP A 612 -23.21 21.33 3.48
N LYS A 613 -23.96 20.46 2.82
CA LYS A 613 -23.67 19.02 2.84
C LYS A 613 -22.58 18.70 1.82
N LYS A 614 -21.41 18.31 2.31
CA LYS A 614 -20.30 17.93 1.43
C LYS A 614 -20.27 16.42 1.29
N PRO A 615 -20.10 15.92 0.05
CA PRO A 615 -20.12 14.47 -0.06
C PRO A 615 -18.84 13.88 0.52
N ARG A 616 -18.75 12.56 0.55
CA ARG A 616 -17.60 11.90 1.14
C ARG A 616 -16.56 11.54 0.07
N ARG A 617 -15.30 11.48 0.47
N ARG A 617 -15.30 11.48 0.46
CA ARG A 617 -14.23 10.95 -0.38
CA ARG A 617 -14.24 10.99 -0.42
C ARG A 617 -14.29 9.45 -0.39
C ARG A 617 -14.20 9.46 -0.38
N ILE A 618 -14.05 8.84 -1.55
CA ILE A 618 -14.02 7.37 -1.64
C ILE A 618 -12.83 6.91 -2.48
N SER A 619 -12.61 5.61 -2.48
CA SER A 619 -11.51 5.03 -3.25
C SER A 619 -11.88 4.89 -4.72
N LEU A 620 -11.08 5.54 -5.56
CA LEU A 620 -11.20 5.40 -7.00
C LEU A 620 -9.80 5.15 -7.58
N PRO A 621 -9.71 4.62 -8.81
CA PRO A 621 -8.40 4.32 -9.40
C PRO A 621 -7.44 5.51 -9.43
N ALA A 622 -6.18 5.24 -9.09
CA ALA A 622 -5.13 6.25 -9.11
C ALA A 622 -4.60 6.46 -10.52
N TYR A 623 -3.70 7.42 -10.67
CA TYR A 623 -3.17 7.78 -11.98
C TYR A 623 -2.55 6.60 -12.70
N PRO A 624 -2.96 6.34 -13.96
CA PRO A 624 -2.37 5.21 -14.67
C PRO A 624 -1.04 5.56 -15.32
N PHE A 625 0.04 5.46 -14.55
CA PHE A 625 1.36 5.85 -15.00
C PHE A 625 1.76 5.14 -16.29
N ALA A 626 2.46 5.87 -17.16
CA ALA A 626 3.07 5.26 -18.33
C ALA A 626 3.97 4.11 -17.86
N ARG A 627 3.90 2.99 -18.57
CA ARG A 627 4.69 1.82 -18.23
C ARG A 627 5.87 1.74 -19.18
N GLU A 628 6.84 2.63 -18.96
CA GLU A 628 8.05 2.67 -19.78
C GLU A 628 9.16 1.91 -19.06
N HIS A 629 9.79 1.00 -19.78
CA HIS A 629 10.77 0.08 -19.20
C HIS A 629 12.14 0.72 -19.09
N TYR A 630 12.65 0.83 -17.86
CA TYR A 630 13.98 1.38 -17.64
C TYR A 630 14.84 0.43 -16.81
N TRP A 631 15.75 -0.28 -17.49
CA TRP A 631 16.68 -1.18 -16.81
C TRP A 631 18.06 -1.08 -17.42
N LEU A 632 19.08 -1.25 -16.58
CA LEU A 632 20.48 -1.08 -16.99
C LEU A 632 20.82 -1.92 -18.22
N PRO A 633 21.78 -1.44 -19.03
CA PRO A 633 22.22 -2.21 -20.20
C PRO A 633 23.11 -3.38 -19.82
N LYS A 634 23.15 -4.41 -20.66
CA LYS A 634 24.03 -5.55 -20.44
C LYS A 634 25.48 -5.09 -20.53
N PRO A 635 26.33 -5.61 -19.63
CA PRO A 635 27.74 -5.18 -19.68
C PRO A 635 28.55 -5.95 -20.72
#